data_3VG0
#
_entry.id   3VG0
#
_cell.length_a   139.219
_cell.length_b   39.966
_cell.length_c   105.132
_cell.angle_alpha   90.000
_cell.angle_beta   128.060
_cell.angle_gamma   90.000
#
_symmetry.space_group_name_H-M   'C 1 2 1'
#
loop_
_entity.id
_entity.type
_entity.pdbx_description
1 polymer 'Monoclonal antibody 9F8 Fab fragment L chain'
2 polymer 'Monoclonal antibody 9F8 Fab fragment H chain'
3 branched 2-acetamido-2-deoxy-beta-D-glucopyranose-(1-4)-[alpha-L-fucopyranose-(1-6)]2-acetamido-2-deoxy-beta-D-glucopyranose
4 non-polymer 'ACETATE ION'
5 non-polymer 'SULFATE ION'
6 water water
#
loop_
_entity_poly.entity_id
_entity_poly.type
_entity_poly.pdbx_seq_one_letter_code
_entity_poly.pdbx_strand_id
1 'polypeptide(L)'
;AEIVMTQSPKFMSTSIGDRVNITCKATQNVRTAVTWYQQKPGQSPQALIFLASNRHTGVPARFTGSGSGTDFTLTINNVK
SEDLADYFCLQHWNYPLTFGSGTKLEIKRADAAPTVSIFPPSSEQLTSGGASVVCFLNNFYPKDINVKWKIDGSERQNGV
LNSWTDQDSKDSTYSMSSTLTLTKDEYERHNSYTCEATHKTSTSPIVKSFNRNEC
;
L
2 'polypeptide(L)'
;AQEVKLLESGPGLVAPSESLSITCTISGFSLTDDGVSWIRQPPGKGLEWLGVIWGGGSTYFNSLFKSRLSITRDNSKSQV
FLEMDSLQTDDTAMYYCAKHDGHETMDYWGQGTSVTVSSSKTTPPSVYPLAPGSAAQTNSMVTLGCLVKGYFPEPVTVTW
NSGSLSSGVHTFPAVLQSDLYTLSSSVTVPSSTWPSETVTCNVAHPASSTKVDKKIVPRDCTS
;
H
#
loop_
_chem_comp.id
_chem_comp.type
_chem_comp.name
_chem_comp.formula
ACT non-polymer 'ACETATE ION' 'C2 H3 O2 -1'
FUC L-saccharide, alpha linking alpha-L-fucopyranose 'C6 H12 O5'
NAG D-saccharide, beta linking 2-acetamido-2-deoxy-beta-D-glucopyranose 'C8 H15 N O6'
SO4 non-polymer 'SULFATE ION' 'O4 S -2'
#
# COMPACT_ATOMS: atom_id res chain seq x y z
N GLU A 2 25.63 -16.05 -4.17
CA GLU A 2 25.04 -15.04 -5.11
C GLU A 2 25.10 -13.61 -4.56
N ILE A 3 25.01 -12.63 -5.44
CA ILE A 3 25.34 -11.24 -5.11
C ILE A 3 24.32 -10.54 -4.20
N VAL A 4 24.79 -9.97 -3.10
CA VAL A 4 23.92 -9.22 -2.18
C VAL A 4 24.07 -7.73 -2.45
N MET A 5 22.95 -7.03 -2.54
CA MET A 5 22.95 -5.59 -2.63
C MET A 5 22.47 -5.10 -1.28
N THR A 6 23.37 -4.42 -0.60
CA THR A 6 23.09 -3.87 0.70
C THR A 6 22.76 -2.40 0.53
N GLN A 7 21.66 -2.01 1.14
CA GLN A 7 21.36 -0.61 1.29
C GLN A 7 21.33 -0.41 2.78
N SER A 8 22.41 0.16 3.32
CA SER A 8 22.55 0.27 4.78
C SER A 8 21.63 1.29 5.45
N PRO A 9 21.20 2.36 4.73
CA PRO A 9 20.12 3.19 5.31
C PRO A 9 18.72 2.65 4.98
N LYS A 10 17.98 2.26 6.00
CA LYS A 10 16.64 1.72 5.81
C LYS A 10 15.67 2.89 5.54
N PHE A 11 15.98 4.04 6.13
CA PHE A 11 15.13 5.24 6.08
C PHE A 11 16.07 6.44 5.90
N MET A 12 15.74 7.32 4.98
CA MET A 12 16.61 8.43 4.63
C MET A 12 15.77 9.72 4.74
N SER A 13 16.26 10.71 5.50
CA SER A 13 15.51 11.90 5.82
C SER A 13 16.04 13.14 5.10
N THR A 14 15.14 14.05 4.72
CA THR A 14 15.52 15.17 3.85
C THR A 14 14.47 16.26 3.79
N SER A 15 14.80 17.43 3.24
CA SER A 15 13.88 18.58 3.12
C SER A 15 13.56 18.88 1.68
N ILE A 16 12.37 19.44 1.43
CA ILE A 16 11.99 19.88 0.06
C ILE A 16 13.11 20.71 -0.57
N GLY A 17 13.51 20.39 -1.78
CA GLY A 17 14.56 21.15 -2.45
C GLY A 17 16.01 20.84 -2.05
N ASP A 18 16.25 19.85 -1.18
CA ASP A 18 17.61 19.42 -0.81
C ASP A 18 18.16 18.42 -1.83
N ARG A 19 19.36 17.94 -1.56
CA ARG A 19 19.97 16.88 -2.33
C ARG A 19 20.07 15.68 -1.40
N VAL A 20 19.76 14.50 -1.94
CA VAL A 20 19.87 13.25 -1.20
C VAL A 20 20.55 12.26 -2.10
N ASN A 21 21.43 11.47 -1.49
CA ASN A 21 22.07 10.31 -2.08
C ASN A 21 21.61 9.06 -1.34
N ILE A 22 21.01 8.14 -2.09
CA ILE A 22 20.75 6.81 -1.59
C ILE A 22 21.78 5.89 -2.19
N THR A 23 22.42 5.09 -1.36
CA THR A 23 23.58 4.35 -1.82
C THR A 23 23.27 2.89 -1.81
N CYS A 24 24.00 2.16 -2.64
CA CYS A 24 23.80 0.75 -2.79
C CYS A 24 25.15 0.09 -3.04
N LYS A 25 25.58 -0.72 -2.06
CA LYS A 25 26.92 -1.34 -2.07
C LYS A 25 26.91 -2.86 -2.35
N ALA A 26 27.24 -3.22 -3.59
CA ALA A 26 27.34 -4.61 -4.08
C ALA A 26 28.41 -5.46 -3.38
N THR A 27 28.11 -6.75 -3.25
CA THR A 27 29.01 -7.75 -2.66
C THR A 27 30.08 -8.26 -3.65
N GLN A 28 29.99 -7.87 -4.92
CA GLN A 28 30.91 -8.31 -5.97
C GLN A 28 30.80 -7.36 -7.15
N ASN A 29 31.58 -7.63 -8.19
CA ASN A 29 31.38 -7.07 -9.54
C ASN A 29 32.49 -6.25 -10.20
N VAL A 30 32.66 -6.58 -11.47
CA VAL A 30 33.25 -5.71 -12.48
C VAL A 30 32.08 -5.00 -13.24
N ARG A 31 31.06 -4.52 -12.51
CA ARG A 31 29.78 -4.09 -13.12
C ARG A 31 29.43 -2.59 -13.06
N THR A 32 28.85 -2.11 -14.17
CA THR A 32 27.91 -0.98 -14.13
C THR A 32 26.51 -1.56 -14.41
N ALA A 33 26.30 -2.81 -14.00
CA ALA A 33 25.06 -3.55 -14.26
C ALA A 33 24.03 -3.28 -13.14
N VAL A 34 23.79 -1.99 -12.88
CA VAL A 34 22.92 -1.58 -11.79
C VAL A 34 21.80 -0.68 -12.29
N THR A 35 20.59 -1.03 -11.88
CA THR A 35 19.41 -0.26 -12.19
C THR A 35 18.83 0.29 -10.88
N TRP A 36 18.23 1.48 -10.97
CA TRP A 36 17.60 2.14 -9.82
C TRP A 36 16.11 2.34 -10.08
N TYR A 37 15.30 2.07 -9.05
CA TYR A 37 13.85 2.17 -9.11
C TYR A 37 13.31 3.03 -8.00
N GLN A 38 12.14 3.62 -8.24
CA GLN A 38 11.34 4.32 -7.28
C GLN A 38 10.03 3.52 -7.17
N GLN A 39 9.63 3.16 -5.96
CA GLN A 39 8.31 2.58 -5.71
C GLN A 39 7.60 3.49 -4.73
N LYS A 40 6.56 4.18 -5.19
CA LYS A 40 5.74 5.02 -4.33
C LYS A 40 4.77 4.09 -3.56
N PRO A 41 4.28 4.47 -2.35
CA PRO A 41 3.40 3.57 -1.57
C PRO A 41 2.24 2.96 -2.35
N GLY A 42 2.13 1.63 -2.29
CA GLY A 42 0.99 0.90 -2.88
C GLY A 42 0.89 0.90 -4.39
N GLN A 43 1.99 1.24 -5.06
CA GLN A 43 2.04 1.00 -6.49
C GLN A 43 3.35 0.40 -6.93
N SER A 44 3.51 0.31 -8.23
CA SER A 44 4.57 -0.46 -8.83
C SER A 44 5.78 0.41 -9.14
N PRO A 45 6.98 -0.23 -9.12
CA PRO A 45 8.29 0.38 -9.31
C PRO A 45 8.43 1.00 -10.67
N GLN A 46 9.27 2.04 -10.73
CA GLN A 46 9.56 2.81 -11.95
C GLN A 46 11.04 2.88 -12.05
N ALA A 47 11.61 2.44 -13.17
CA ALA A 47 13.03 2.64 -13.46
C ALA A 47 13.35 4.11 -13.48
N LEU A 48 14.43 4.48 -12.81
CA LEU A 48 14.91 5.85 -12.84
C LEU A 48 16.19 5.91 -13.68
N ILE A 49 17.16 5.09 -13.27
CA ILE A 49 18.49 5.08 -13.79
C ILE A 49 18.87 3.66 -14.21
N PHE A 50 19.30 3.50 -15.47
CA PHE A 50 19.78 2.23 -16.01
C PHE A 50 21.28 2.28 -16.41
N LEU A 51 21.95 1.12 -16.29
CA LEU A 51 23.42 0.98 -16.46
C LEU A 51 24.24 1.99 -15.60
N ALA A 52 23.92 2.04 -14.30
CA ALA A 52 24.55 2.93 -13.30
C ALA A 52 24.30 4.44 -13.43
N SER A 53 24.42 4.98 -14.64
CA SER A 53 24.47 6.43 -14.88
C SER A 53 23.72 6.93 -16.13
N ASN A 54 22.67 6.22 -16.54
CA ASN A 54 21.79 6.62 -17.65
C ASN A 54 20.34 6.86 -17.15
N ARG A 55 19.69 7.90 -17.68
CA ARG A 55 18.35 8.31 -17.25
C ARG A 55 17.24 7.67 -18.09
N HIS A 56 16.34 6.92 -17.47
CA HIS A 56 15.15 6.35 -18.13
C HIS A 56 14.26 7.50 -18.73
N THR A 57 13.70 7.29 -19.92
CA THR A 57 12.81 8.28 -20.56
C THR A 57 11.80 8.86 -19.55
N GLY A 58 11.55 10.17 -19.63
CA GLY A 58 10.50 10.83 -18.84
C GLY A 58 10.80 10.94 -17.35
N VAL A 59 12.02 10.57 -16.98
CA VAL A 59 12.56 10.78 -15.63
C VAL A 59 13.18 12.20 -15.60
N PRO A 60 12.72 13.06 -14.65
CA PRO A 60 13.19 14.47 -14.71
C PRO A 60 14.68 14.57 -14.46
N ALA A 61 15.32 15.60 -15.04
CA ALA A 61 16.78 15.78 -15.03
C ALA A 61 17.52 15.76 -13.66
N ARG A 62 16.80 16.01 -12.56
CA ARG A 62 17.40 16.05 -11.21
C ARG A 62 17.72 14.68 -10.57
N PHE A 63 17.29 13.59 -11.22
CA PHE A 63 17.68 12.22 -10.83
C PHE A 63 18.93 11.87 -11.63
N THR A 64 20.03 11.53 -10.94
CA THR A 64 21.28 11.06 -11.59
C THR A 64 21.85 9.83 -10.89
N GLY A 65 22.64 9.05 -11.61
CA GLY A 65 23.24 7.86 -11.06
C GLY A 65 24.75 7.90 -11.28
N SER A 66 25.49 7.23 -10.42
CA SER A 66 26.92 7.20 -10.58
C SER A 66 27.49 5.99 -9.86
N GLY A 67 28.66 5.55 -10.30
CA GLY A 67 29.41 4.53 -9.59
C GLY A 67 29.85 3.36 -10.43
N SER A 68 30.86 2.65 -9.92
CA SER A 68 31.42 1.48 -10.57
C SER A 68 31.71 0.37 -9.56
N GLY A 69 31.59 -0.86 -10.04
CA GLY A 69 32.08 -2.02 -9.31
C GLY A 69 31.21 -2.44 -8.16
N THR A 70 31.43 -1.83 -7.00
CA THR A 70 30.69 -2.19 -5.79
C THR A 70 29.69 -1.12 -5.37
N ASP A 71 30.15 0.12 -5.20
CA ASP A 71 29.32 1.21 -4.68
C ASP A 71 28.59 2.05 -5.74
N PHE A 72 27.29 2.22 -5.55
CA PHE A 72 26.44 2.97 -6.49
C PHE A 72 25.60 4.01 -5.78
N THR A 73 25.39 5.14 -6.43
CA THR A 73 24.72 6.27 -5.79
C THR A 73 23.61 6.85 -6.66
N LEU A 74 22.40 6.83 -6.13
CA LEU A 74 21.29 7.53 -6.73
C LEU A 74 21.25 8.87 -6.05
N THR A 75 21.41 9.92 -6.84
CA THR A 75 21.32 11.29 -6.35
C THR A 75 19.97 11.88 -6.77
N ILE A 76 19.24 12.42 -5.79
CA ILE A 76 18.05 13.23 -6.07
C ILE A 76 18.34 14.69 -5.70
N ASN A 77 18.53 15.53 -6.70
CA ASN A 77 18.61 16.99 -6.47
C ASN A 77 17.23 17.60 -6.39
N ASN A 78 17.12 18.70 -5.63
CA ASN A 78 15.91 19.50 -5.57
C ASN A 78 14.70 18.61 -5.26
N VAL A 79 14.75 17.96 -4.11
CA VAL A 79 13.77 16.96 -3.72
C VAL A 79 12.37 17.55 -3.76
N LYS A 80 11.40 16.83 -4.31
CA LYS A 80 9.99 17.29 -4.28
C LYS A 80 9.13 16.32 -3.46
N SER A 81 7.92 16.72 -3.13
CA SER A 81 7.15 15.91 -2.20
C SER A 81 6.71 14.60 -2.90
N GLU A 82 6.62 14.65 -4.22
CA GLU A 82 6.25 13.48 -5.04
C GLU A 82 7.34 12.41 -4.98
N ASP A 83 8.51 12.80 -4.49
CA ASP A 83 9.63 11.87 -4.37
C ASP A 83 9.51 10.98 -3.14
N LEU A 84 8.54 11.26 -2.27
CA LEU A 84 8.20 10.28 -1.25
C LEU A 84 8.03 8.92 -1.92
N ALA A 85 8.94 8.00 -1.61
CA ALA A 85 8.95 6.64 -2.18
C ALA A 85 10.02 5.81 -1.54
N ASP A 86 10.00 4.53 -1.87
CA ASP A 86 11.10 3.65 -1.52
C ASP A 86 12.01 3.54 -2.77
N TYR A 87 13.32 3.73 -2.60
CA TYR A 87 14.29 3.67 -3.69
C TYR A 87 15.20 2.43 -3.51
N PHE A 88 15.34 1.62 -4.56
CA PHE A 88 16.17 0.39 -4.49
C PHE A 88 16.95 0.11 -5.79
N CYS A 89 18.07 -0.62 -5.70
CA CYS A 89 18.88 -1.02 -6.88
C CYS A 89 18.62 -2.47 -7.24
N LEU A 90 18.76 -2.78 -8.52
CA LEU A 90 18.84 -4.18 -8.96
C LEU A 90 20.22 -4.40 -9.56
N GLN A 91 20.85 -5.49 -9.14
CA GLN A 91 22.09 -5.99 -9.73
C GLN A 91 21.69 -6.94 -10.85
N HIS A 92 22.13 -6.64 -12.07
CA HIS A 92 21.92 -7.58 -13.19
C HIS A 92 23.20 -8.05 -13.89
N TRP A 93 24.30 -8.13 -13.15
CA TRP A 93 25.55 -8.73 -13.67
C TRP A 93 25.53 -10.26 -13.74
N ASN A 94 25.11 -10.89 -12.64
CA ASN A 94 25.04 -12.35 -12.55
C ASN A 94 23.64 -12.83 -12.15
N TYR A 95 23.34 -14.10 -12.43
CA TYR A 95 22.20 -14.81 -11.84
C TYR A 95 22.46 -15.26 -10.40
N PRO A 96 21.42 -15.23 -9.54
CA PRO A 96 20.12 -14.59 -9.76
C PRO A 96 20.23 -13.07 -9.72
N LEU A 97 19.33 -12.38 -10.43
CA LEU A 97 19.22 -10.91 -10.28
C LEU A 97 18.81 -10.66 -8.81
N THR A 98 19.46 -9.69 -8.18
CA THR A 98 19.20 -9.41 -6.79
C THR A 98 18.95 -7.93 -6.53
N PHE A 99 18.15 -7.66 -5.51
CA PHE A 99 17.66 -6.31 -5.23
C PHE A 99 18.17 -5.83 -3.89
N GLY A 100 18.49 -4.54 -3.82
CA GLY A 100 18.64 -3.89 -2.51
C GLY A 100 17.31 -3.95 -1.76
N SER A 101 17.36 -3.92 -0.44
CA SER A 101 16.13 -4.01 0.39
C SER A 101 15.42 -2.64 0.53
N GLY A 102 16.13 -1.58 0.16
CA GLY A 102 15.51 -0.31 -0.09
C GLY A 102 15.60 0.71 0.99
N THR A 103 15.55 1.97 0.57
CA THR A 103 15.62 3.12 1.45
C THR A 103 14.34 3.93 1.22
N LYS A 104 13.57 4.10 2.29
CA LYS A 104 12.34 4.86 2.22
C LYS A 104 12.71 6.30 2.49
N LEU A 105 12.49 7.16 1.53
CA LEU A 105 12.76 8.56 1.74
C LEU A 105 11.68 9.19 2.61
N GLU A 106 12.10 9.81 3.71
CA GLU A 106 11.24 10.61 4.59
C GLU A 106 11.44 12.11 4.30
N ILE A 107 10.36 12.87 4.21
CA ILE A 107 10.46 14.28 3.90
C ILE A 107 10.17 15.03 5.20
N LYS A 108 11.07 15.93 5.61
CA LYS A 108 10.85 16.79 6.77
C LYS A 108 9.99 17.96 6.35
N ARG A 109 9.02 18.26 7.21
CA ARG A 109 8.08 19.38 7.00
C ARG A 109 7.71 20.00 8.35
N ALA A 110 6.95 21.07 8.33
CA ALA A 110 6.54 21.78 9.55
C ALA A 110 5.61 20.90 10.38
N ASP A 111 5.62 21.08 11.70
CA ASP A 111 4.71 20.38 12.55
C ASP A 111 3.29 20.74 12.10
N ALA A 112 2.39 19.79 12.05
CA ALA A 112 0.96 20.10 11.80
C ALA A 112 0.15 19.21 12.75
N ALA A 113 -0.91 19.80 13.31
CA ALA A 113 -1.80 19.09 14.21
C ALA A 113 -2.81 18.24 13.43
N PRO A 114 -3.28 17.17 14.08
CA PRO A 114 -4.22 16.28 13.43
C PRO A 114 -5.61 16.86 13.37
N THR A 115 -6.36 16.54 12.30
CA THR A 115 -7.80 16.80 12.26
C THR A 115 -8.46 15.51 12.70
N VAL A 116 -9.22 15.60 13.80
CA VAL A 116 -9.78 14.44 14.49
C VAL A 116 -11.31 14.38 14.35
N SER A 117 -11.81 13.22 14.02
CA SER A 117 -13.23 12.96 13.80
C SER A 117 -13.55 11.61 14.35
N ILE A 118 -14.65 11.50 15.08
CA ILE A 118 -14.99 10.28 15.70
C ILE A 118 -16.33 9.83 15.08
N PHE A 119 -16.55 8.53 14.95
CA PHE A 119 -17.80 8.01 14.32
C PHE A 119 -18.34 6.89 15.14
N PRO A 120 -19.62 7.00 15.54
CA PRO A 120 -20.22 5.92 16.31
C PRO A 120 -20.37 4.69 15.41
N PRO A 121 -20.66 3.47 15.98
CA PRO A 121 -21.16 2.31 15.19
C PRO A 121 -22.29 2.69 14.20
N SER A 122 -22.22 2.28 12.94
CA SER A 122 -23.35 2.42 12.05
C SER A 122 -24.47 1.51 12.59
N SER A 123 -25.72 1.81 12.21
CA SER A 123 -26.81 1.00 12.67
C SER A 123 -26.78 -0.31 11.89
N GLU A 124 -26.20 -0.33 10.68
CA GLU A 124 -26.00 -1.59 10.01
C GLU A 124 -25.09 -2.48 10.78
N GLN A 125 -24.01 -1.94 11.35
CA GLN A 125 -23.13 -2.76 12.14
C GLN A 125 -23.82 -3.32 13.38
N LEU A 126 -24.63 -2.48 14.04
CA LEU A 126 -25.36 -2.87 15.28
C LEU A 126 -26.34 -3.98 14.99
N THR A 127 -27.13 -3.83 13.94
CA THR A 127 -28.08 -4.88 13.64
C THR A 127 -27.33 -6.23 13.43
N SER A 128 -26.01 -6.20 13.19
CA SER A 128 -25.18 -7.43 13.06
C SER A 128 -24.50 -7.97 14.34
N GLY A 129 -24.74 -7.33 15.48
CA GLY A 129 -24.08 -7.74 16.72
C GLY A 129 -22.69 -7.13 16.95
N GLY A 130 -22.25 -6.24 16.05
CA GLY A 130 -20.96 -5.55 16.22
C GLY A 130 -21.04 -4.06 16.51
N ALA A 131 -19.96 -3.49 17.08
CA ALA A 131 -19.91 -2.06 17.35
C ALA A 131 -18.49 -1.50 17.28
N SER A 132 -18.13 -0.93 16.13
CA SER A 132 -16.82 -0.40 16.03
C SER A 132 -16.99 1.10 16.10
N VAL A 133 -16.12 1.73 16.90
CA VAL A 133 -16.07 3.19 16.98
C VAL A 133 -14.80 3.59 16.25
N VAL A 134 -14.91 4.54 15.33
CA VAL A 134 -13.74 4.83 14.55
C VAL A 134 -13.35 6.26 14.78
N CYS A 135 -12.05 6.48 14.87
CA CYS A 135 -11.49 7.78 14.98
C CYS A 135 -10.41 7.98 13.90
N PHE A 136 -10.55 9.02 13.06
CA PHE A 136 -9.51 9.43 12.08
C PHE A 136 -8.75 10.59 12.67
N LEU A 137 -7.44 10.54 12.59
CA LEU A 137 -6.55 11.64 12.93
C LEU A 137 -5.84 11.98 11.64
N ASN A 138 -6.27 13.01 10.93
CA ASN A 138 -5.77 13.23 9.56
C ASN A 138 -4.82 14.38 9.41
N ASN A 139 -3.84 14.18 8.53
CA ASN A 139 -2.92 15.23 8.09
C ASN A 139 -2.15 15.96 9.18
N PHE A 140 -1.26 15.26 9.85
CA PHE A 140 -0.46 15.77 10.96
C PHE A 140 1.00 15.41 10.73
N TYR A 141 1.91 16.15 11.37
CA TYR A 141 3.35 15.87 11.33
C TYR A 141 3.95 16.40 12.63
N PRO A 142 4.93 15.69 13.27
CA PRO A 142 5.53 14.43 12.81
C PRO A 142 4.63 13.24 13.10
N LYS A 143 5.10 12.03 12.79
CA LYS A 143 4.32 10.78 12.70
C LYS A 143 3.92 10.33 14.07
N ASP A 144 4.77 10.65 15.04
CA ASP A 144 4.62 10.29 16.43
C ASP A 144 3.31 10.88 16.93
N ILE A 145 2.47 10.02 17.49
CA ILE A 145 1.16 10.40 17.98
C ILE A 145 0.61 9.30 18.86
N ASN A 146 -0.10 9.71 19.90
CA ASN A 146 -0.74 8.78 20.80
C ASN A 146 -2.23 9.00 20.78
N VAL A 147 -2.98 7.90 20.72
CA VAL A 147 -4.45 7.92 20.79
C VAL A 147 -4.86 7.18 22.04
N LYS A 148 -5.66 7.83 22.86
CA LYS A 148 -6.23 7.21 24.00
C LYS A 148 -7.73 7.11 23.76
N TRP A 149 -8.28 5.93 24.05
CA TRP A 149 -9.72 5.74 24.06
C TRP A 149 -10.28 5.74 25.46
N LYS A 150 -11.42 6.41 25.66
CA LYS A 150 -12.06 6.37 26.97
C LYS A 150 -13.49 6.06 26.81
N ILE A 151 -13.98 5.21 27.70
CA ILE A 151 -15.37 4.81 27.75
C ILE A 151 -15.96 5.23 29.10
N ASP A 152 -17.02 6.04 29.07
CA ASP A 152 -17.56 6.63 30.31
C ASP A 152 -16.43 7.15 31.19
N GLY A 153 -15.44 7.75 30.54
CA GLY A 153 -14.41 8.48 31.25
C GLY A 153 -13.24 7.60 31.64
N SER A 154 -13.31 6.31 31.33
CA SER A 154 -12.28 5.44 31.77
C SER A 154 -11.50 4.79 30.61
N GLU A 155 -10.17 4.83 30.67
CA GLU A 155 -9.34 4.37 29.54
C GLU A 155 -9.64 2.92 29.12
N ARG A 156 -9.84 2.69 27.82
CA ARG A 156 -9.80 1.34 27.25
C ARG A 156 -8.61 1.14 26.34
N GLN A 157 -7.77 0.14 26.62
CA GLN A 157 -6.67 -0.20 25.71
C GLN A 157 -7.02 -1.44 24.86
N ASN A 158 -7.90 -2.27 25.41
CA ASN A 158 -8.34 -3.50 24.76
C ASN A 158 -9.28 -3.31 23.56
N GLY A 159 -8.88 -3.84 22.40
CA GLY A 159 -9.75 -3.91 21.21
C GLY A 159 -9.66 -2.68 20.31
N VAL A 160 -8.55 -1.97 20.48
CA VAL A 160 -8.14 -0.79 19.76
C VAL A 160 -7.09 -1.26 18.74
N LEU A 161 -7.34 -0.94 17.47
CA LEU A 161 -6.50 -1.32 16.41
C LEU A 161 -6.18 -0.05 15.65
N ASN A 162 -4.89 0.16 15.39
CA ASN A 162 -4.40 1.36 14.70
C ASN A 162 -3.70 1.11 13.37
N SER A 163 -3.75 2.11 12.51
CA SER A 163 -3.16 1.98 11.23
C SER A 163 -2.81 3.36 10.73
N TRP A 164 -1.59 3.47 10.19
CA TRP A 164 -1.03 4.73 9.69
C TRP A 164 -0.84 4.66 8.21
N THR A 165 -1.14 5.75 7.52
CA THR A 165 -0.77 5.87 6.13
C THR A 165 0.72 6.16 6.00
N ASP A 166 1.18 6.10 4.77
CA ASP A 166 2.49 6.62 4.47
C ASP A 166 2.37 8.13 4.33
N GLN A 167 3.51 8.76 4.19
CA GLN A 167 3.56 10.18 4.16
C GLN A 167 2.93 10.64 2.83
N ASP A 168 2.01 11.59 2.92
CA ASP A 168 1.32 12.15 1.74
C ASP A 168 2.28 12.82 0.77
N SER A 169 2.06 12.57 -0.51
CA SER A 169 2.98 12.99 -1.57
C SER A 169 2.77 14.42 -1.97
N LYS A 170 1.72 15.02 -1.42
CA LYS A 170 1.43 16.44 -1.63
C LYS A 170 1.90 17.28 -0.44
N ASP A 171 1.32 17.01 0.75
CA ASP A 171 1.54 17.86 1.92
C ASP A 171 2.50 17.26 2.96
N SER A 172 3.08 16.08 2.64
CA SER A 172 4.09 15.42 3.49
C SER A 172 3.63 15.04 4.93
N THR A 173 2.31 15.08 5.13
CA THR A 173 1.72 14.68 6.38
C THR A 173 1.43 13.18 6.44
N TYR A 174 1.15 12.70 7.65
CA TYR A 174 0.70 11.38 7.91
C TYR A 174 -0.75 11.45 8.37
N SER A 175 -1.44 10.31 8.33
CA SER A 175 -2.73 10.21 8.96
C SER A 175 -2.84 8.86 9.62
N MET A 176 -3.80 8.74 10.52
CA MET A 176 -3.94 7.52 11.35
C MET A 176 -5.39 7.20 11.59
N SER A 177 -5.71 5.92 11.65
CA SER A 177 -7.04 5.49 11.91
C SER A 177 -6.97 4.64 13.18
N SER A 178 -7.84 4.93 14.14
CA SER A 178 -7.92 4.17 15.36
C SER A 178 -9.32 3.63 15.42
N THR A 179 -9.46 2.32 15.51
CA THR A 179 -10.79 1.73 15.65
C THR A 179 -10.87 0.99 16.97
N LEU A 180 -11.88 1.35 17.77
CA LEU A 180 -12.17 0.59 19.00
C LEU A 180 -13.28 -0.38 18.65
N THR A 181 -12.98 -1.68 18.62
CA THR A 181 -14.01 -2.70 18.37
C THR A 181 -14.51 -3.36 19.66
N LEU A 182 -15.80 -3.22 19.88
CA LEU A 182 -16.49 -3.80 21.00
C LEU A 182 -17.56 -4.64 20.40
N THR A 183 -18.19 -5.46 21.22
CA THR A 183 -19.42 -6.09 20.78
C THR A 183 -20.58 -5.11 21.04
N LYS A 184 -21.70 -5.29 20.34
CA LYS A 184 -22.90 -4.52 20.62
C LYS A 184 -23.29 -4.56 22.10
N ASP A 185 -23.03 -5.69 22.73
CA ASP A 185 -23.44 -5.92 24.11
C ASP A 185 -22.64 -4.99 25.02
N GLU A 186 -21.32 -4.91 24.87
CA GLU A 186 -20.53 -3.91 25.62
C GLU A 186 -20.89 -2.47 25.22
N TYR A 187 -20.94 -2.18 23.92
CA TYR A 187 -21.24 -0.80 23.45
C TYR A 187 -22.49 -0.22 24.15
N GLU A 188 -23.59 -0.97 24.17
CA GLU A 188 -24.88 -0.51 24.72
C GLU A 188 -24.95 -0.38 26.24
N ARG A 189 -23.96 -0.88 26.95
CA ARG A 189 -23.93 -0.74 28.38
C ARG A 189 -23.26 0.56 28.83
N HIS A 190 -22.74 1.35 27.90
CA HIS A 190 -22.02 2.56 28.27
C HIS A 190 -22.54 3.70 27.42
N ASN A 191 -22.36 4.97 27.89
CA ASN A 191 -22.85 6.14 27.15
C ASN A 191 -21.77 6.89 26.38
N SER A 192 -20.66 7.15 27.04
CA SER A 192 -19.73 8.16 26.56
C SER A 192 -18.51 7.53 25.93
N TYR A 193 -18.23 7.85 24.67
CA TYR A 193 -17.05 7.29 23.94
C TYR A 193 -16.16 8.43 23.47
N THR A 194 -14.85 8.29 23.68
CA THR A 194 -13.91 9.38 23.54
C THR A 194 -12.60 8.90 22.90
N CYS A 195 -12.21 9.64 21.87
CA CYS A 195 -10.94 9.55 21.19
C CYS A 195 -10.09 10.75 21.67
N GLU A 196 -8.90 10.52 22.20
CA GLU A 196 -7.95 11.62 22.53
C GLU A 196 -6.61 11.45 21.80
N ALA A 197 -6.27 12.47 21.03
CA ALA A 197 -5.07 12.52 20.23
C ALA A 197 -4.06 13.51 20.89
N THR A 198 -2.91 12.96 21.27
CA THR A 198 -1.81 13.74 21.85
C THR A 198 -0.71 13.82 20.80
N HIS A 199 -0.41 15.05 20.40
CA HIS A 199 0.56 15.30 19.33
C HIS A 199 1.43 16.47 19.74
N LYS A 200 2.70 16.45 19.38
CA LYS A 200 3.66 17.46 19.88
C LYS A 200 3.20 18.89 19.58
N THR A 201 2.30 19.05 18.59
CA THR A 201 1.74 20.34 18.18
C THR A 201 0.97 21.07 19.28
N SER A 202 0.53 20.36 20.31
CA SER A 202 -0.04 21.02 21.46
C SER A 202 0.15 20.13 22.67
N THR A 203 0.20 20.76 23.82
CA THR A 203 0.40 20.02 25.05
C THR A 203 -0.96 19.52 25.50
N SER A 204 -2.01 20.17 25.01
CA SER A 204 -3.39 19.67 25.16
C SER A 204 -3.73 18.62 24.09
N PRO A 205 -4.28 17.51 24.56
CA PRO A 205 -4.94 16.48 23.76
C PRO A 205 -6.11 17.07 22.94
N ILE A 206 -6.30 16.57 21.71
CA ILE A 206 -7.51 16.85 20.96
C ILE A 206 -8.50 15.76 21.34
N VAL A 207 -9.68 16.15 21.75
CA VAL A 207 -10.65 15.24 22.37
C VAL A 207 -11.88 15.29 21.46
N LYS A 208 -12.26 14.11 20.97
CA LYS A 208 -13.51 13.96 20.23
C LYS A 208 -14.29 12.91 20.95
N SER A 209 -15.55 13.24 21.24
CA SER A 209 -16.42 12.30 21.89
C SER A 209 -17.83 12.33 21.34
N PHE A 210 -18.58 11.31 21.72
CA PHE A 210 -20.04 11.30 21.57
C PHE A 210 -20.68 10.54 22.72
N ASN A 211 -21.93 10.88 22.97
CA ASN A 211 -22.75 10.07 23.82
C ASN A 211 -23.62 9.17 22.97
N ARG A 212 -23.65 7.88 23.29
CA ARG A 212 -24.47 6.88 22.59
C ARG A 212 -25.93 7.28 22.75
N ASN A 213 -26.31 7.69 23.97
CA ASN A 213 -27.61 8.28 24.34
C ASN A 213 -27.66 9.79 24.10
N GLU A 214 -27.67 10.23 22.82
CA GLU A 214 -27.81 11.64 22.39
C GLU A 214 -27.55 11.77 20.87
N GLU B 3 3.55 3.72 -23.35
CA GLU B 3 2.58 2.72 -23.87
C GLU B 3 3.01 1.25 -23.68
N VAL B 4 4.14 1.00 -23.02
CA VAL B 4 4.45 -0.34 -22.46
C VAL B 4 3.58 -0.60 -21.22
N LYS B 5 2.79 -1.69 -21.23
CA LYS B 5 1.95 -2.07 -20.08
C LYS B 5 2.06 -3.54 -19.80
N LEU B 6 1.99 -3.90 -18.52
CA LEU B 6 1.99 -5.27 -18.07
C LEU B 6 0.96 -5.45 -16.97
N LEU B 7 0.15 -6.51 -17.06
CA LEU B 7 -0.96 -6.72 -16.11
C LEU B 7 -1.07 -8.17 -15.62
N GLU B 8 -0.78 -8.36 -14.34
CA GLU B 8 -0.92 -9.67 -13.76
C GLU B 8 -2.38 -10.00 -13.51
N SER B 9 -2.79 -11.23 -13.78
CA SER B 9 -4.04 -11.75 -13.26
C SER B 9 -3.71 -13.06 -12.55
N GLY B 10 -4.04 -13.12 -11.27
CA GLY B 10 -3.80 -14.34 -10.50
C GLY B 10 -4.95 -14.68 -9.59
N PRO B 11 -4.82 -15.76 -8.79
CA PRO B 11 -5.88 -16.34 -7.94
C PRO B 11 -6.26 -15.54 -6.69
N GLY B 12 -5.36 -14.69 -6.19
CA GLY B 12 -5.65 -13.99 -4.95
C GLY B 12 -5.41 -14.86 -3.70
N LEU B 13 -6.01 -16.05 -3.67
CA LEU B 13 -5.91 -17.01 -2.58
C LEU B 13 -5.46 -18.35 -3.12
N VAL B 14 -4.48 -18.98 -2.46
CA VAL B 14 -4.01 -20.31 -2.84
C VAL B 14 -3.81 -21.22 -1.61
N ALA B 15 -4.36 -22.42 -1.66
CA ALA B 15 -4.24 -23.37 -0.54
C ALA B 15 -2.79 -23.91 -0.41
N PRO B 16 -2.36 -24.26 0.82
CA PRO B 16 -1.07 -24.91 1.04
C PRO B 16 -0.88 -26.13 0.13
N SER B 17 0.30 -26.23 -0.50
CA SER B 17 0.62 -27.32 -1.46
C SER B 17 0.02 -27.26 -2.87
N GLU B 18 -0.98 -26.40 -3.11
CA GLU B 18 -1.50 -26.25 -4.49
C GLU B 18 -0.52 -25.40 -5.34
N SER B 19 -0.73 -25.35 -6.64
CA SER B 19 0.19 -24.61 -7.49
C SER B 19 -0.35 -23.21 -7.61
N LEU B 20 0.52 -22.21 -7.71
CA LEU B 20 0.14 -20.87 -8.17
C LEU B 20 0.30 -20.78 -9.72
N SER B 21 -0.69 -20.22 -10.41
CA SER B 21 -0.41 -19.70 -11.76
C SER B 21 -0.96 -18.32 -11.93
N ILE B 22 -0.13 -17.49 -12.58
CA ILE B 22 -0.43 -16.09 -12.84
C ILE B 22 -0.14 -15.85 -14.31
N THR B 23 -1.00 -15.04 -14.95
CA THR B 23 -0.80 -14.63 -16.32
C THR B 23 -0.36 -13.12 -16.34
N CYS B 24 0.66 -12.83 -17.10
CA CYS B 24 1.09 -11.46 -17.25
C CYS B 24 0.72 -11.07 -18.72
N THR B 25 -0.34 -10.28 -18.89
CA THR B 25 -0.72 -9.78 -20.21
C THR B 25 0.00 -8.45 -20.46
N ILE B 26 0.76 -8.42 -21.56
CA ILE B 26 1.56 -7.29 -21.94
C ILE B 26 1.08 -6.57 -23.24
N SER B 27 1.40 -5.30 -23.37
CA SER B 27 1.15 -4.57 -24.59
C SER B 27 2.23 -3.55 -24.79
N GLY B 28 2.47 -3.15 -26.04
CA GLY B 28 3.37 -2.04 -26.32
C GLY B 28 4.75 -2.55 -26.66
N PHE B 29 4.94 -3.87 -26.68
CA PHE B 29 6.20 -4.53 -27.12
C PHE B 29 5.87 -5.97 -27.51
N SER B 30 6.88 -6.69 -28.02
CA SER B 30 6.70 -8.07 -28.45
C SER B 30 7.51 -8.97 -27.53
N LEU B 31 6.87 -9.98 -26.97
CA LEU B 31 7.57 -10.92 -26.10
C LEU B 31 8.86 -11.43 -26.75
N THR B 32 8.75 -11.70 -28.05
CA THR B 32 9.85 -12.03 -28.98
C THR B 32 11.10 -11.15 -28.92
N ASP B 33 10.92 -9.89 -28.57
CA ASP B 33 12.01 -8.96 -28.56
C ASP B 33 12.58 -8.72 -27.17
N ASP B 34 11.85 -9.07 -26.12
CA ASP B 34 12.20 -8.66 -24.77
C ASP B 34 11.96 -9.76 -23.72
N GLY B 35 12.82 -9.84 -22.72
CA GLY B 35 12.56 -10.68 -21.58
C GLY B 35 11.39 -10.18 -20.75
N VAL B 36 10.81 -11.09 -19.98
CA VAL B 36 9.83 -10.75 -18.96
C VAL B 36 10.24 -11.55 -17.74
N SER B 37 10.56 -10.85 -16.65
CA SER B 37 10.90 -11.52 -15.38
C SER B 37 9.68 -11.56 -14.46
N TRP B 38 9.70 -12.52 -13.55
CA TRP B 38 8.78 -12.57 -12.45
C TRP B 38 9.53 -12.26 -11.15
N ILE B 39 8.99 -11.34 -10.36
CA ILE B 39 9.67 -10.93 -9.12
C ILE B 39 8.60 -10.94 -8.10
N ARG B 40 8.94 -11.18 -6.82
CA ARG B 40 7.93 -11.02 -5.77
C ARG B 40 8.40 -10.23 -4.55
N GLN B 41 7.44 -9.80 -3.75
CA GLN B 41 7.71 -9.00 -2.55
C GLN B 41 6.81 -9.53 -1.43
N PRO B 42 7.36 -10.47 -0.61
CA PRO B 42 6.63 -10.92 0.60
C PRO B 42 6.48 -9.77 1.62
N PRO B 43 5.47 -9.86 2.50
CA PRO B 43 5.14 -8.76 3.46
C PRO B 43 6.39 -8.29 4.22
N GLY B 44 6.77 -7.03 4.02
CA GLY B 44 7.96 -6.42 4.64
C GLY B 44 9.30 -7.09 4.41
N LYS B 45 9.58 -7.48 3.17
CA LYS B 45 10.86 -8.08 2.85
C LYS B 45 11.32 -7.48 1.53
N GLY B 46 12.58 -7.70 1.19
CA GLY B 46 13.10 -7.23 -0.10
C GLY B 46 12.35 -7.89 -1.24
N LEU B 47 12.48 -7.31 -2.43
CA LEU B 47 12.05 -7.96 -3.66
C LEU B 47 12.93 -9.20 -3.89
N GLU B 48 12.36 -10.21 -4.55
CA GLU B 48 13.07 -11.44 -4.85
C GLU B 48 12.79 -11.81 -6.27
N TRP B 49 13.82 -11.87 -7.10
CA TRP B 49 13.63 -12.26 -8.47
C TRP B 49 13.43 -13.74 -8.59
N LEU B 50 12.42 -14.15 -9.36
CA LEU B 50 12.03 -15.58 -9.43
C LEU B 50 12.59 -16.20 -10.67
N GLY B 51 12.46 -15.48 -11.77
CA GLY B 51 13.03 -15.97 -13.01
C GLY B 51 12.63 -15.17 -14.20
N VAL B 52 13.15 -15.56 -15.34
CA VAL B 52 12.95 -14.76 -16.54
C VAL B 52 12.69 -15.69 -17.72
N ILE B 53 11.96 -15.20 -18.71
CA ILE B 53 11.97 -15.80 -20.03
C ILE B 53 12.35 -14.70 -21.03
N TRP B 54 13.56 -14.80 -21.56
CA TRP B 54 14.06 -13.95 -22.62
C TRP B 54 13.32 -13.98 -23.99
N GLY B 55 13.60 -12.98 -24.81
CA GLY B 55 13.03 -12.85 -26.16
C GLY B 55 13.07 -14.12 -27.01
N GLY B 56 14.24 -14.73 -27.11
CA GLY B 56 14.38 -15.95 -27.88
C GLY B 56 13.92 -17.22 -27.14
N GLY B 57 13.35 -17.11 -25.94
CA GLY B 57 12.62 -18.23 -25.38
C GLY B 57 13.26 -18.96 -24.22
N SER B 58 14.50 -18.64 -23.93
CA SER B 58 15.16 -19.35 -22.90
C SER B 58 14.89 -18.73 -21.51
N THR B 59 14.99 -19.57 -20.49
CA THR B 59 14.53 -19.21 -19.18
C THR B 59 15.63 -19.46 -18.17
N TYR B 60 15.78 -18.58 -17.21
CA TYR B 60 16.64 -18.89 -16.07
C TYR B 60 15.79 -18.62 -14.87
N PHE B 61 16.05 -19.37 -13.81
CA PHE B 61 15.35 -19.25 -12.58
C PHE B 61 16.31 -18.96 -11.44
N ASN B 62 15.78 -18.38 -10.37
CA ASN B 62 16.52 -18.24 -9.17
C ASN B 62 16.67 -19.65 -8.62
N SER B 63 17.88 -20.02 -8.16
CA SER B 63 18.17 -21.39 -7.77
C SER B 63 17.30 -21.79 -6.60
N LEU B 64 16.95 -20.81 -5.78
CA LEU B 64 16.01 -21.00 -4.68
C LEU B 64 14.66 -21.57 -5.08
N PHE B 65 14.21 -21.37 -6.32
CA PHE B 65 12.85 -21.72 -6.68
C PHE B 65 12.84 -22.74 -7.81
N LYS B 66 14.00 -22.97 -8.42
CA LYS B 66 14.21 -23.90 -9.55
C LYS B 66 13.35 -25.15 -9.58
N SER B 67 13.13 -25.71 -8.39
CA SER B 67 12.57 -27.04 -8.25
C SER B 67 11.08 -27.00 -8.50
N ARG B 68 10.46 -25.85 -8.30
CA ARG B 68 9.03 -25.82 -8.40
C ARG B 68 8.50 -24.68 -9.28
N LEU B 69 9.38 -24.11 -10.10
CA LEU B 69 9.00 -22.97 -10.96
C LEU B 69 8.96 -23.35 -12.43
N SER B 70 8.11 -22.68 -13.19
CA SER B 70 8.08 -22.86 -14.61
C SER B 70 7.61 -21.50 -15.15
N ILE B 71 8.14 -21.07 -16.29
CA ILE B 71 7.72 -19.85 -16.94
C ILE B 71 7.59 -20.17 -18.42
N THR B 72 6.40 -19.91 -18.96
CA THR B 72 6.10 -20.12 -20.40
C THR B 72 5.43 -18.87 -20.94
N ARG B 73 5.05 -18.87 -22.20
CA ARG B 73 4.41 -17.70 -22.77
C ARG B 73 3.58 -18.17 -23.95
N ASP B 74 2.67 -17.30 -24.39
CA ASP B 74 1.92 -17.51 -25.57
C ASP B 74 2.19 -16.27 -26.43
N ASN B 75 3.04 -16.41 -27.46
CA ASN B 75 3.37 -15.24 -28.35
C ASN B 75 2.15 -14.54 -28.95
N SER B 76 1.12 -15.30 -29.31
CA SER B 76 -0.02 -14.74 -30.05
C SER B 76 -0.97 -13.88 -29.20
N LYS B 77 -0.99 -14.19 -27.90
CA LYS B 77 -1.73 -13.38 -26.89
C LYS B 77 -0.89 -12.38 -26.13
N SER B 78 0.42 -12.36 -26.33
CA SER B 78 1.27 -11.49 -25.52
C SER B 78 1.13 -11.79 -24.03
N GLN B 79 1.21 -13.07 -23.71
CA GLN B 79 1.10 -13.52 -22.32
C GLN B 79 2.28 -14.38 -21.93
N VAL B 80 2.79 -14.02 -20.76
CA VAL B 80 3.73 -14.78 -19.96
C VAL B 80 3.00 -15.40 -18.77
N PHE B 81 3.26 -16.69 -18.52
CA PHE B 81 2.57 -17.41 -17.49
C PHE B 81 3.62 -17.86 -16.48
N LEU B 82 3.32 -17.68 -15.22
CA LEU B 82 4.09 -18.26 -14.12
C LEU B 82 3.32 -19.40 -13.43
N GLU B 83 4.05 -20.49 -13.19
CA GLU B 83 3.54 -21.58 -12.37
C GLU B 83 4.56 -21.80 -11.29
N MET B 84 4.11 -21.78 -10.05
CA MET B 84 4.96 -22.11 -8.91
C MET B 84 4.24 -23.17 -8.06
N ASP B 85 4.87 -24.32 -7.93
CA ASP B 85 4.26 -25.44 -7.21
C ASP B 85 4.49 -25.38 -5.72
N SER B 86 3.72 -26.19 -4.97
CA SER B 86 3.96 -26.44 -3.53
C SER B 86 4.04 -25.19 -2.75
N LEU B 87 3.00 -24.37 -2.85
CA LEU B 87 2.97 -23.13 -2.10
C LEU B 87 2.91 -23.43 -0.62
N GLN B 88 3.71 -22.71 0.15
CA GLN B 88 3.56 -22.70 1.57
C GLN B 88 3.28 -21.24 2.01
N THR B 89 2.90 -21.04 3.27
CA THR B 89 2.40 -19.73 3.65
C THR B 89 3.41 -18.59 3.40
N ASP B 90 4.69 -18.91 3.46
CA ASP B 90 5.76 -17.95 3.21
C ASP B 90 5.96 -17.66 1.70
N ASP B 91 5.13 -18.27 0.85
CA ASP B 91 5.04 -17.82 -0.53
C ASP B 91 4.01 -16.68 -0.69
N THR B 92 3.42 -16.25 0.41
CA THR B 92 2.51 -15.11 0.40
C THR B 92 3.32 -13.87 0.00
N ALA B 93 2.83 -13.14 -0.98
CA ALA B 93 3.61 -12.02 -1.49
C ALA B 93 2.86 -11.31 -2.59
N MET B 94 3.38 -10.14 -2.98
CA MET B 94 2.89 -9.46 -4.15
C MET B 94 3.79 -9.97 -5.25
N TYR B 95 3.18 -10.42 -6.34
CA TYR B 95 3.88 -11.09 -7.43
C TYR B 95 3.83 -10.11 -8.62
N TYR B 96 4.99 -9.81 -9.23
CA TYR B 96 5.10 -8.79 -10.32
C TYR B 96 5.71 -9.49 -11.52
N CYS B 97 5.26 -9.13 -12.72
CA CYS B 97 6.04 -9.40 -13.94
C CYS B 97 6.58 -8.08 -14.46
N ALA B 98 7.67 -8.12 -15.22
CA ALA B 98 8.38 -6.90 -15.62
C ALA B 98 9.15 -7.12 -16.93
N LYS B 99 9.05 -6.12 -17.82
CA LYS B 99 9.71 -6.14 -19.10
C LYS B 99 11.20 -5.93 -18.88
N HIS B 100 12.01 -6.52 -19.74
CA HIS B 100 13.39 -6.11 -19.89
C HIS B 100 13.62 -5.25 -21.14
N ASP B 101 14.69 -4.48 -21.09
CA ASP B 101 15.10 -3.74 -22.23
C ASP B 101 15.89 -4.71 -23.10
N GLY B 102 15.19 -5.47 -23.92
CA GLY B 102 15.80 -6.49 -24.77
C GLY B 102 16.28 -7.59 -23.85
N HIS B 103 17.59 -7.71 -23.73
CA HIS B 103 18.20 -8.73 -22.91
C HIS B 103 18.95 -8.06 -21.73
N GLU B 104 18.62 -6.81 -21.46
CA GLU B 104 19.29 -6.07 -20.40
C GLU B 104 18.35 -5.71 -19.22
N THR B 105 18.24 -4.41 -18.98
CA THR B 105 17.55 -3.79 -17.85
C THR B 105 16.07 -4.12 -17.77
N MET B 106 15.58 -4.28 -16.55
CA MET B 106 14.17 -4.44 -16.30
C MET B 106 13.59 -3.04 -16.33
N ASP B 107 13.01 -2.65 -17.47
CA ASP B 107 12.55 -1.26 -17.69
C ASP B 107 11.14 -0.91 -17.16
N TYR B 108 10.23 -1.88 -17.10
CA TYR B 108 8.82 -1.63 -16.76
C TYR B 108 8.21 -2.75 -15.99
N TRP B 109 7.36 -2.36 -15.06
CA TRP B 109 6.85 -3.30 -14.03
C TRP B 109 5.35 -3.33 -14.21
N GLY B 110 4.71 -4.49 -13.95
CA GLY B 110 3.24 -4.58 -14.03
C GLY B 110 2.64 -4.07 -12.72
N GLN B 111 1.32 -4.12 -12.59
CA GLN B 111 0.66 -3.57 -11.40
C GLN B 111 0.91 -4.41 -10.13
N GLY B 112 1.38 -5.64 -10.30
CA GLY B 112 1.52 -6.59 -9.17
C GLY B 112 0.18 -7.25 -8.82
N THR B 113 0.20 -8.55 -8.54
CA THR B 113 -1.01 -9.20 -8.05
C THR B 113 -0.71 -9.87 -6.69
N SER B 114 -1.58 -9.66 -5.71
CA SER B 114 -1.40 -10.17 -4.36
C SER B 114 -1.75 -11.65 -4.26
N VAL B 115 -0.85 -12.47 -3.72
CA VAL B 115 -1.08 -13.93 -3.50
C VAL B 115 -0.98 -14.22 -2.00
N THR B 116 -2.05 -14.75 -1.43
CA THR B 116 -2.04 -15.15 -0.04
C THR B 116 -2.17 -16.66 -0.03
N VAL B 117 -1.24 -17.32 0.66
CA VAL B 117 -1.26 -18.77 0.76
C VAL B 117 -1.94 -19.15 2.08
N SER B 118 -3.13 -19.75 1.96
CA SER B 118 -3.94 -20.05 3.14
C SER B 118 -5.02 -21.08 2.88
N SER B 119 -5.26 -21.87 3.93
CA SER B 119 -6.36 -22.83 3.96
C SER B 119 -7.74 -22.18 4.15
N SER B 120 -7.81 -20.99 4.72
CA SER B 120 -9.16 -20.48 5.04
C SER B 120 -10.06 -20.04 3.88
N LYS B 121 -11.33 -19.77 4.22
CA LYS B 121 -12.33 -19.38 3.24
C LYS B 121 -12.05 -17.93 2.78
N THR B 122 -12.48 -17.62 1.58
CA THR B 122 -12.65 -16.25 1.17
C THR B 122 -13.85 -15.74 1.94
N THR B 123 -13.73 -14.54 2.53
CA THR B 123 -14.84 -13.85 3.17
C THR B 123 -14.93 -12.43 2.61
N PRO B 124 -16.10 -12.06 2.04
CA PRO B 124 -16.26 -10.65 1.56
C PRO B 124 -16.33 -9.71 2.75
N PRO B 125 -16.00 -8.42 2.56
CA PRO B 125 -16.12 -7.48 3.63
C PRO B 125 -17.56 -7.09 3.91
N SER B 126 -17.88 -6.71 5.15
CA SER B 126 -19.10 -5.97 5.43
C SER B 126 -18.66 -4.52 5.28
N VAL B 127 -19.46 -3.62 4.70
CA VAL B 127 -19.02 -2.24 4.50
C VAL B 127 -19.94 -1.33 5.32
N TYR B 128 -19.38 -0.52 6.23
CA TYR B 128 -20.27 0.24 7.07
C TYR B 128 -20.00 1.75 6.86
N PRO B 129 -21.06 2.52 6.69
CA PRO B 129 -20.87 3.92 6.42
C PRO B 129 -20.55 4.64 7.74
N LEU B 130 -19.69 5.65 7.71
CA LEU B 130 -19.34 6.43 8.90
C LEU B 130 -19.80 7.85 8.64
N ALA B 131 -20.93 8.17 9.25
CA ALA B 131 -21.58 9.45 9.00
C ALA B 131 -21.40 10.21 10.31
N PRO B 132 -21.19 11.54 10.26
CA PRO B 132 -20.89 12.16 11.55
C PRO B 132 -22.02 11.95 12.56
N GLY B 133 -21.66 11.71 13.84
CA GLY B 133 -22.61 11.81 14.98
C GLY B 133 -23.38 13.16 14.96
N SER B 134 -24.59 13.15 15.55
CA SER B 134 -25.56 14.30 15.54
C SER B 134 -24.94 15.72 15.39
N ALA B 135 -25.14 16.29 14.19
CA ALA B 135 -24.56 17.58 13.72
C ALA B 135 -23.53 18.25 14.64
N ALA B 136 -22.44 17.53 14.92
CA ALA B 136 -21.35 17.99 15.80
C ALA B 136 -20.72 19.29 15.25
N GLN B 137 -21.52 20.36 15.27
CA GLN B 137 -21.20 21.69 14.70
C GLN B 137 -20.94 21.76 13.16
N THR B 138 -21.00 22.98 12.65
CA THR B 138 -20.48 23.33 11.32
C THR B 138 -18.94 23.50 11.49
N ASN B 139 -18.17 22.58 10.90
CA ASN B 139 -16.90 23.01 10.31
C ASN B 139 -17.26 23.33 8.84
N SER B 140 -16.43 24.06 8.11
CA SER B 140 -16.67 24.23 6.68
C SER B 140 -16.35 22.92 5.88
N MET B 141 -15.59 22.00 6.50
CA MET B 141 -15.33 20.67 5.95
C MET B 141 -16.01 19.63 6.81
N VAL B 142 -16.45 18.55 6.18
CA VAL B 142 -17.00 17.42 6.91
C VAL B 142 -16.16 16.25 6.47
N THR B 143 -15.86 15.34 7.39
CA THR B 143 -15.16 14.15 7.09
C THR B 143 -16.19 13.02 7.22
N LEU B 144 -16.14 12.11 6.26
CA LEU B 144 -17.02 10.93 6.21
C LEU B 144 -16.11 9.75 6.04
N GLY B 145 -16.65 8.53 6.24
CA GLY B 145 -15.83 7.33 6.11
C GLY B 145 -16.59 6.08 5.74
N CYS B 146 -15.79 5.05 5.41
CA CYS B 146 -16.30 3.68 5.29
C CYS B 146 -15.44 2.83 6.15
N LEU B 147 -16.08 1.97 6.92
CA LEU B 147 -15.37 0.96 7.67
C LEU B 147 -15.57 -0.35 6.85
N VAL B 148 -14.48 -0.96 6.41
CA VAL B 148 -14.53 -2.19 5.62
C VAL B 148 -14.00 -3.35 6.49
N LYS B 149 -14.92 -4.16 7.00
CA LYS B 149 -14.64 -5.05 8.10
C LYS B 149 -14.78 -6.53 7.72
N GLY B 150 -13.87 -7.38 8.17
CA GLY B 150 -14.18 -8.77 8.22
C GLY B 150 -13.94 -9.54 6.94
N TYR B 151 -12.86 -9.22 6.23
CA TYR B 151 -12.67 -9.85 4.91
C TYR B 151 -11.38 -10.62 4.89
N PHE B 152 -11.29 -11.51 3.90
CA PHE B 152 -10.10 -12.30 3.67
C PHE B 152 -10.14 -12.87 2.25
N PRO B 153 -8.97 -12.97 1.60
CA PRO B 153 -7.67 -12.37 1.88
C PRO B 153 -7.63 -10.88 1.52
N GLU B 154 -6.44 -10.28 1.63
CA GLU B 154 -6.19 -8.93 1.07
C GLU B 154 -6.13 -9.09 -0.43
N PRO B 155 -6.33 -8.01 -1.21
CA PRO B 155 -6.73 -6.67 -0.77
C PRO B 155 -8.20 -6.36 -1.05
N VAL B 156 -8.58 -5.16 -0.64
CA VAL B 156 -9.78 -4.51 -1.12
C VAL B 156 -9.33 -3.22 -1.78
N THR B 157 -10.13 -2.75 -2.71
CA THR B 157 -9.98 -1.48 -3.33
C THR B 157 -11.09 -0.55 -2.84
N VAL B 158 -10.72 0.69 -2.44
CA VAL B 158 -11.70 1.70 -2.08
C VAL B 158 -11.66 2.91 -3.01
N THR B 159 -12.81 3.36 -3.50
CA THR B 159 -12.85 4.66 -4.15
C THR B 159 -14.08 5.37 -3.60
N TRP B 160 -14.27 6.59 -4.05
CA TRP B 160 -15.42 7.40 -3.61
C TRP B 160 -16.09 7.99 -4.83
N ASN B 161 -17.42 7.95 -4.86
CA ASN B 161 -18.19 8.16 -6.05
C ASN B 161 -17.46 7.59 -7.25
N SER B 162 -17.10 6.29 -7.17
CA SER B 162 -16.61 5.55 -8.33
C SER B 162 -15.33 6.22 -8.85
N GLY B 163 -14.71 7.06 -8.04
CA GLY B 163 -13.43 7.63 -8.42
C GLY B 163 -13.43 9.12 -8.63
N SER B 164 -14.60 9.76 -8.76
CA SER B 164 -14.67 11.25 -8.97
C SER B 164 -14.15 12.05 -7.80
N LEU B 165 -14.26 11.48 -6.63
CA LEU B 165 -13.84 12.17 -5.43
C LEU B 165 -12.50 11.53 -5.06
N SER B 166 -11.41 12.24 -5.30
CA SER B 166 -10.09 11.67 -4.94
C SER B 166 -9.20 12.52 -4.03
N SER B 167 -9.51 13.82 -3.94
CA SER B 167 -8.77 14.79 -3.11
C SER B 167 -9.26 14.60 -1.69
N GLY B 168 -8.37 14.72 -0.72
CA GLY B 168 -8.76 14.54 0.68
C GLY B 168 -9.33 13.17 1.05
N VAL B 169 -8.85 12.10 0.39
CA VAL B 169 -9.15 10.72 0.73
C VAL B 169 -7.96 10.15 1.49
N HIS B 170 -8.20 9.44 2.60
CA HIS B 170 -7.21 8.57 3.19
C HIS B 170 -7.82 7.20 3.33
N THR B 171 -7.16 6.22 2.72
CA THR B 171 -7.48 4.82 2.83
C THR B 171 -6.35 4.18 3.60
N PHE B 172 -6.65 3.67 4.79
CA PHE B 172 -5.61 3.23 5.72
C PHE B 172 -5.18 1.75 5.46
N PRO B 173 -3.93 1.40 5.75
CA PRO B 173 -3.61 -0.03 5.60
C PRO B 173 -4.52 -0.93 6.47
N ALA B 174 -4.78 -2.16 6.02
CA ALA B 174 -5.65 -3.02 6.80
C ALA B 174 -4.91 -3.57 8.00
N VAL B 175 -5.66 -3.93 9.03
CA VAL B 175 -5.14 -4.63 10.18
C VAL B 175 -5.80 -5.99 10.26
N LEU B 176 -5.08 -6.94 10.82
CA LEU B 176 -5.51 -8.32 10.87
C LEU B 176 -5.92 -8.67 12.27
N GLN B 177 -7.20 -8.95 12.51
CA GLN B 177 -7.62 -9.44 13.83
C GLN B 177 -8.51 -10.68 13.73
N SER B 178 -8.11 -11.74 14.44
CA SER B 178 -8.88 -12.99 14.46
C SER B 178 -9.16 -13.45 13.00
N ASP B 179 -8.05 -13.59 12.25
CA ASP B 179 -7.95 -14.10 10.88
C ASP B 179 -8.75 -13.39 9.78
N LEU B 180 -9.21 -12.17 10.05
CA LEU B 180 -9.98 -11.36 9.10
C LEU B 180 -9.35 -9.99 9.07
N TYR B 181 -9.41 -9.31 7.93
CA TYR B 181 -8.87 -7.96 7.85
C TYR B 181 -9.94 -6.88 8.00
N THR B 182 -9.54 -5.70 8.41
CA THR B 182 -10.42 -4.57 8.54
C THR B 182 -9.66 -3.38 8.04
N LEU B 183 -10.29 -2.52 7.23
CA LEU B 183 -9.68 -1.19 7.02
C LEU B 183 -10.78 -0.15 6.99
N SER B 184 -10.39 1.11 6.96
CA SER B 184 -11.31 2.19 6.95
C SER B 184 -10.82 3.20 5.92
N SER B 185 -11.72 4.01 5.38
CA SER B 185 -11.27 5.06 4.49
C SER B 185 -12.04 6.32 4.88
N SER B 186 -11.34 7.48 4.88
CA SER B 186 -12.01 8.77 5.04
C SER B 186 -11.95 9.67 3.81
N VAL B 187 -13.03 10.46 3.63
CA VAL B 187 -13.04 11.52 2.69
C VAL B 187 -13.58 12.77 3.37
N THR B 188 -13.06 13.92 2.95
CA THR B 188 -13.40 15.20 3.54
C THR B 188 -13.93 16.08 2.39
N VAL B 189 -15.17 16.52 2.48
CA VAL B 189 -15.74 17.32 1.42
C VAL B 189 -16.27 18.57 2.08
N PRO B 190 -16.56 19.63 1.31
CA PRO B 190 -17.12 20.80 1.98
C PRO B 190 -18.48 20.47 2.53
N SER B 191 -18.79 21.01 3.71
CA SER B 191 -20.10 20.84 4.40
C SER B 191 -21.33 21.29 3.63
N SER B 192 -21.24 22.41 2.92
CA SER B 192 -22.36 22.86 2.06
C SER B 192 -22.84 21.78 1.04
N THR B 193 -21.98 20.81 0.73
CA THR B 193 -22.18 19.94 -0.41
C THR B 193 -22.61 18.57 0.01
N TRP B 194 -22.52 18.27 1.30
CA TRP B 194 -23.05 17.04 1.83
C TRP B 194 -24.10 17.32 2.91
N PRO B 195 -25.25 16.63 2.90
CA PRO B 195 -25.63 15.53 2.04
C PRO B 195 -26.29 15.87 0.71
N SER B 196 -26.39 17.14 0.33
CA SER B 196 -27.10 17.48 -0.92
C SER B 196 -26.44 16.84 -2.16
N GLU B 197 -25.12 16.79 -2.20
CA GLU B 197 -24.42 16.08 -3.27
C GLU B 197 -23.77 14.82 -2.69
N THR B 198 -24.25 13.67 -3.14
CA THR B 198 -24.05 12.43 -2.45
C THR B 198 -22.63 11.88 -2.54
N VAL B 199 -22.28 11.13 -1.52
CA VAL B 199 -20.97 10.55 -1.38
C VAL B 199 -21.19 9.10 -1.00
N THR B 200 -20.53 8.20 -1.73
CA THR B 200 -20.72 6.75 -1.71
C THR B 200 -19.32 6.17 -1.75
N CYS B 201 -18.97 5.25 -0.84
CA CYS B 201 -17.72 4.59 -1.04
C CYS B 201 -17.90 3.26 -1.79
N ASN B 202 -16.96 2.95 -2.66
CA ASN B 202 -17.14 1.77 -3.51
C ASN B 202 -16.02 0.84 -3.10
N VAL B 203 -16.36 -0.34 -2.62
CA VAL B 203 -15.33 -1.25 -2.11
C VAL B 203 -15.38 -2.50 -3.00
N ALA B 204 -14.24 -2.88 -3.59
CA ALA B 204 -14.16 -4.06 -4.45
C ALA B 204 -13.30 -5.01 -3.63
N HIS B 205 -13.73 -6.26 -3.52
CA HIS B 205 -12.92 -7.31 -2.94
C HIS B 205 -12.68 -8.36 -4.01
N PRO B 206 -11.59 -8.24 -4.77
CA PRO B 206 -11.46 -9.15 -5.96
C PRO B 206 -11.54 -10.62 -5.58
N ALA B 207 -10.89 -11.04 -4.48
CA ALA B 207 -10.86 -12.48 -4.14
C ALA B 207 -12.22 -13.08 -4.14
N SER B 208 -13.20 -12.28 -3.73
CA SER B 208 -14.54 -12.81 -3.63
C SER B 208 -15.44 -12.23 -4.72
N SER B 209 -14.89 -11.58 -5.77
CA SER B 209 -15.71 -10.96 -6.85
C SER B 209 -16.88 -10.11 -6.33
N THR B 210 -16.68 -9.50 -5.19
CA THR B 210 -17.72 -8.68 -4.63
C THR B 210 -17.41 -7.17 -4.75
N LYS B 211 -18.43 -6.35 -4.98
CA LYS B 211 -18.33 -4.90 -4.84
C LYS B 211 -19.53 -4.39 -4.03
N VAL B 212 -19.31 -3.46 -3.10
CA VAL B 212 -20.40 -2.84 -2.34
C VAL B 212 -20.21 -1.38 -2.55
N ASP B 213 -21.27 -0.66 -2.89
CA ASP B 213 -21.22 0.79 -3.02
C ASP B 213 -22.08 1.34 -1.87
N LYS B 214 -21.46 1.88 -0.83
CA LYS B 214 -22.21 2.32 0.35
C LYS B 214 -22.35 3.87 0.38
N LYS B 215 -23.58 4.36 0.25
CA LYS B 215 -23.90 5.79 0.30
C LYS B 215 -23.85 6.21 1.76
N ILE B 216 -23.27 7.38 2.03
CA ILE B 216 -23.18 7.89 3.39
C ILE B 216 -24.32 8.90 3.60
N VAL B 217 -25.32 8.50 4.36
CA VAL B 217 -26.43 9.42 4.65
C VAL B 217 -26.25 9.96 6.08
N PRO B 218 -26.71 11.20 6.32
CA PRO B 218 -26.64 11.76 7.67
C PRO B 218 -27.42 10.87 8.64
N ARG B 219 -27.01 10.82 9.91
CA ARG B 219 -27.65 9.91 10.88
C ARG B 219 -29.09 10.31 11.33
N ASP B 220 -29.90 9.31 11.70
CA ASP B 220 -31.27 9.54 12.19
C ASP B 220 -31.29 10.00 13.65
N CYS B 221 -30.46 9.36 14.48
CA CYS B 221 -30.34 9.60 15.95
C CYS B 221 -30.91 10.94 16.46
C1 NAG C . 25.85 13.32 -3.24
C2 NAG C . 26.77 14.35 -2.55
C3 NAG C . 27.38 15.44 -3.41
C4 NAG C . 27.91 14.89 -4.75
C5 NAG C . 26.82 13.98 -5.37
C6 NAG C . 27.22 13.39 -6.75
C7 NAG C . 26.19 14.65 -0.24
C8 NAG C . 25.43 15.51 0.74
N2 NAG C . 26.06 15.06 -1.49
O3 NAG C . 28.44 15.96 -2.65
O4 NAG C . 28.64 15.84 -5.59
O5 NAG C . 26.46 12.92 -4.46
O6 NAG C . 27.88 12.15 -6.62
O7 NAG C . 26.88 13.65 0.06
C1 NAG C . 28.12 17.08 -6.17
C2 NAG C . 29.20 17.66 -7.15
C3 NAG C . 29.00 17.22 -8.63
C4 NAG C . 27.80 16.28 -8.82
C5 NAG C . 26.60 16.92 -8.12
C6 NAG C . 25.26 16.22 -8.43
C7 NAG C . 30.37 19.86 -7.68
C8 NAG C . 31.65 19.27 -8.26
N2 NAG C . 29.34 19.11 -7.19
O3 NAG C . 30.17 16.61 -9.16
O4 NAG C . 27.60 16.03 -10.20
O5 NAG C . 26.78 16.93 -6.70
O6 NAG C . 24.23 16.91 -7.76
O7 NAG C . 30.30 21.09 -7.67
C1 FUC C . 29.03 12.02 -7.50
C2 FUC C . 29.27 10.51 -7.57
C3 FUC C . 29.75 10.01 -6.19
C4 FUC C . 30.92 10.85 -5.66
C5 FUC C . 30.71 12.38 -5.78
C6 FUC C . 31.95 13.23 -5.44
O2 FUC C . 30.17 10.16 -8.60
O3 FUC C . 28.65 10.00 -5.28
O4 FUC C . 31.16 10.45 -4.32
O5 FUC C . 30.21 12.72 -7.08
C ACT D . -8.56 0.65 11.17
O ACT D . -9.29 -0.39 11.46
OXT ACT D . -8.32 1.48 12.15
CH3 ACT D . -8.01 0.88 9.76
S SO4 E . 17.50 -15.96 -25.67
O1 SO4 E . 18.31 -16.24 -24.46
O2 SO4 E . 17.21 -14.47 -25.78
O3 SO4 E . 18.31 -16.31 -26.89
O4 SO4 E . 16.25 -16.76 -25.61
#